data_3MUL
#
_entry.id   3MUL
#
_cell.length_a   34.004
_cell.length_b   47.232
_cell.length_c   77.977
_cell.angle_alpha   90.00
_cell.angle_beta   90.00
_cell.angle_gamma   90.00
#
_symmetry.space_group_name_H-M   'P 21 21 21'
#
loop_
_entity.id
_entity.type
_entity.pdbx_description
1 polymer 'Bromodomain-containing protein 4'
2 polymer 'Peptide of Histone H3.3'
3 non-polymer 1,2-ETHANEDIOL
4 water water
#
loop_
_entity_poly.entity_id
_entity_poly.type
_entity_poly.pdbx_seq_one_letter_code
_entity_poly.pdbx_strand_id
1 'polypeptide(L)'
;GAMGSTNPPPPETSNPNKPKRQTNQLQYLLRVVLKTLWKHQFAWPFQQPVDAVKLNLPDYYKIIKTPMDMGTIKKRLENN
YYWNAQECIQDFNTMFTNCYIYNKPGDDIVLMAEALEKLFLQKINELPTEE
;
A
2 'polypeptide(L)' GG(BTK)APRKQ D
#
# COMPACT_ATOMS: atom_id res chain seq x y z
N MET A 3 -10.43 10.09 -26.44
CA MET A 3 -9.19 9.55 -25.77
C MET A 3 -8.67 10.44 -24.59
N GLY A 4 -9.57 10.72 -23.62
CA GLY A 4 -9.15 11.25 -22.34
C GLY A 4 -8.38 10.20 -21.52
N SER A 5 -7.68 10.69 -20.49
CA SER A 5 -6.95 9.81 -19.58
C SER A 5 -7.93 8.83 -18.84
N THR A 6 -7.47 7.61 -18.57
CA THR A 6 -8.16 6.62 -17.76
C THR A 6 -7.17 6.07 -16.74
N ASN A 7 -7.69 5.48 -15.67
CA ASN A 7 -6.88 4.75 -14.65
C ASN A 7 -6.79 3.25 -15.10
N PRO A 8 -5.63 2.61 -14.82
CA PRO A 8 -5.59 1.15 -15.01
C PRO A 8 -6.56 0.45 -14.07
N PRO A 9 -6.87 -0.81 -14.35
CA PRO A 9 -7.64 -1.53 -13.34
C PRO A 9 -6.78 -1.62 -12.10
N PRO A 10 -7.39 -1.62 -10.91
CA PRO A 10 -6.64 -1.75 -9.64
C PRO A 10 -6.02 -3.13 -9.44
N PRO A 11 -5.02 -3.26 -8.54
CA PRO A 11 -4.39 -4.57 -8.28
C PRO A 11 -5.42 -5.56 -7.84
N GLU A 12 -5.20 -6.86 -8.07
CA GLU A 12 -6.25 -7.81 -7.67
C GLU A 12 -6.24 -7.95 -6.18
N THR A 13 -7.41 -8.21 -5.59
CA THR A 13 -7.49 -8.47 -4.16
C THR A 13 -8.00 -9.89 -3.85
N SER A 14 -8.33 -10.63 -4.90
CA SER A 14 -8.82 -12.01 -4.81
C SER A 14 -8.13 -12.76 -5.86
N ASN A 15 -7.79 -14.02 -5.59
CA ASN A 15 -7.31 -14.83 -6.64
C ASN A 15 -7.50 -16.27 -6.13
N PRO A 16 -8.57 -16.94 -6.57
CA PRO A 16 -8.80 -18.26 -5.98
C PRO A 16 -7.72 -19.32 -6.22
N ASN A 17 -6.86 -19.16 -7.22
CA ASN A 17 -5.84 -20.14 -7.53
C ASN A 17 -4.50 -19.77 -6.86
N LYS A 18 -4.50 -18.71 -6.07
CA LYS A 18 -3.25 -18.33 -5.39
C LYS A 18 -3.23 -18.99 -4.01
N PRO A 19 -2.09 -19.63 -3.64
CA PRO A 19 -2.02 -20.21 -2.26
C PRO A 19 -2.15 -19.09 -1.22
N LYS A 20 -2.87 -19.38 -0.14
CA LYS A 20 -2.99 -18.43 0.97
C LYS A 20 -3.12 -19.10 2.33
N ARG A 21 -2.85 -18.30 3.35
CA ARG A 21 -2.95 -18.76 4.73
C ARG A 21 -3.42 -17.61 5.63
N GLN A 22 -3.93 -17.95 6.81
CA GLN A 22 -4.10 -16.91 7.80
C GLN A 22 -3.04 -17.30 8.81
N THR A 23 -2.14 -16.39 9.11
CA THR A 23 -1.06 -16.65 10.08
C THR A 23 -1.26 -15.62 11.18
N ASN A 24 -0.75 -15.89 12.39
CA ASN A 24 -0.79 -14.86 13.46
C ASN A 24 -0.15 -13.54 13.00
N GLN A 25 0.95 -13.60 12.22
CA GLN A 25 1.60 -12.38 11.76
C GLN A 25 0.75 -11.63 10.76
N LEU A 26 0.01 -12.35 9.90
CA LEU A 26 -0.81 -11.63 8.93
C LEU A 26 -2.00 -11.06 9.68
N GLN A 27 -2.46 -11.81 10.65
CA GLN A 27 -3.59 -11.25 11.45
C GLN A 27 -3.24 -9.90 12.11
N TYR A 28 -2.06 -9.89 12.69
CA TYR A 28 -1.48 -8.74 13.36
C TYR A 28 -1.28 -7.57 12.38
N LEU A 29 -0.72 -7.88 11.21
CA LEU A 29 -0.58 -6.87 10.13
C LEU A 29 -1.88 -6.17 9.79
N LEU A 30 -2.99 -6.88 9.88
CA LEU A 30 -4.28 -6.22 9.68
C LEU A 30 -4.77 -5.46 10.92
N ARG A 31 -4.82 -6.17 12.05
CA ARG A 31 -5.57 -5.72 13.26
C ARG A 31 -4.80 -4.59 13.92
N VAL A 32 -3.46 -4.70 13.89
CA VAL A 32 -2.56 -3.71 14.52
C VAL A 32 -1.85 -2.73 13.56
N VAL A 33 -1.06 -3.28 12.65
CA VAL A 33 -0.26 -2.45 11.75
C VAL A 33 -1.09 -1.64 10.77
N LEU A 34 -1.92 -2.31 9.98
CA LEU A 34 -2.66 -1.57 8.94
C LEU A 34 -3.64 -0.66 9.67
N LYS A 35 -4.40 -1.21 10.59
CA LYS A 35 -5.50 -0.47 11.12
C LYS A 35 -5.04 0.70 11.97
N THR A 36 -3.77 0.71 12.39
CA THR A 36 -3.21 1.85 13.12
C THR A 36 -2.69 2.87 12.14
N LEU A 37 -1.93 2.45 11.14
CA LEU A 37 -1.52 3.35 10.07
C LEU A 37 -2.70 4.06 9.33
N TRP A 38 -3.82 3.35 9.16
CA TRP A 38 -4.99 3.89 8.48
C TRP A 38 -5.54 5.13 9.23
N LYS A 39 -5.36 5.18 10.56
CA LYS A 39 -5.92 6.29 11.36
C LYS A 39 -4.99 7.53 11.36
N HIS A 40 -3.80 7.40 10.80
CA HIS A 40 -2.77 8.47 10.85
C HIS A 40 -3.23 9.71 10.01
N GLN A 41 -2.86 10.93 10.45
CA GLN A 41 -3.15 12.19 9.73
C GLN A 41 -2.65 12.19 8.25
N PHE A 42 -1.64 11.36 7.91
CA PHE A 42 -1.07 11.38 6.58
C PHE A 42 -1.51 10.21 5.73
N ALA A 43 -2.42 9.39 6.23
CA ALA A 43 -2.78 8.14 5.53
C ALA A 43 -3.60 8.35 4.27
N TRP A 44 -4.38 9.44 4.22
CA TRP A 44 -5.41 9.59 3.18
C TRP A 44 -5.00 9.44 1.73
N PRO A 45 -3.79 9.88 1.32
CA PRO A 45 -3.47 9.71 -0.10
C PRO A 45 -3.23 8.26 -0.44
N PHE A 46 -3.06 7.42 0.59
CA PHE A 46 -2.61 6.03 0.40
C PHE A 46 -3.71 5.02 0.66
N GLN A 47 -4.90 5.52 0.97
CA GLN A 47 -5.98 4.64 1.32
C GLN A 47 -6.74 4.04 0.14
N GLN A 48 -6.30 4.39 -1.08
CA GLN A 48 -6.97 3.85 -2.28
C GLN A 48 -5.99 3.94 -3.42
N PRO A 49 -6.21 3.20 -4.55
CA PRO A 49 -5.24 3.34 -5.67
C PRO A 49 -5.17 4.80 -6.11
N VAL A 50 -3.99 5.22 -6.52
CA VAL A 50 -3.85 6.58 -7.03
C VAL A 50 -4.82 6.81 -8.19
N ASP A 51 -5.65 7.85 -8.01
CA ASP A 51 -6.66 8.18 -9.02
C ASP A 51 -5.98 9.27 -9.89
N ALA A 52 -5.23 8.84 -10.90
CA ALA A 52 -4.44 9.78 -11.72
C ALA A 52 -5.31 10.72 -12.57
N VAL A 53 -6.53 10.27 -12.89
CA VAL A 53 -7.49 11.13 -13.57
C VAL A 53 -8.00 12.25 -12.62
N LYS A 54 -8.43 11.90 -11.40
CA LYS A 54 -8.89 12.94 -10.41
C LYS A 54 -7.78 13.92 -10.08
N LEU A 55 -6.56 13.36 -9.90
CA LEU A 55 -5.42 14.14 -9.44
C LEU A 55 -4.72 14.88 -10.57
N ASN A 56 -5.16 14.68 -11.82
CA ASN A 56 -4.56 15.30 -13.02
C ASN A 56 -3.08 15.01 -13.06
N LEU A 57 -2.78 13.70 -12.94
CA LEU A 57 -1.38 13.19 -13.04
C LEU A 57 -1.36 12.21 -14.18
N PRO A 58 -1.52 12.70 -15.41
CA PRO A 58 -1.61 11.80 -16.53
C PRO A 58 -0.33 10.98 -16.75
N ASP A 59 0.77 11.40 -16.10
CA ASP A 59 2.04 10.66 -16.28
C ASP A 59 2.24 9.63 -15.17
N TYR A 60 1.30 9.53 -14.21
CA TYR A 60 1.55 8.71 -13.03
C TYR A 60 1.82 7.25 -13.48
N TYR A 61 0.84 6.72 -14.21
CA TYR A 61 0.98 5.34 -14.69
C TYR A 61 1.87 5.13 -15.93
N LYS A 62 2.42 6.22 -16.51
CA LYS A 62 3.61 6.14 -17.42
C LYS A 62 4.85 5.68 -16.68
N ILE A 63 5.02 6.18 -15.44
CA ILE A 63 6.18 6.00 -14.55
C ILE A 63 6.00 4.82 -13.60
N ILE A 64 4.83 4.67 -12.98
CA ILE A 64 4.63 3.63 -11.99
C ILE A 64 3.89 2.45 -12.62
N LYS A 65 4.63 1.35 -12.68
CA LYS A 65 4.09 0.17 -13.34
C LYS A 65 3.72 -0.97 -12.42
N THR A 66 4.01 -0.82 -11.14
CA THR A 66 3.54 -1.75 -10.11
C THR A 66 2.80 -0.97 -9.01
N PRO A 67 1.63 -0.48 -9.32
CA PRO A 67 0.95 0.34 -8.29
C PRO A 67 0.56 -0.46 -7.03
N MET A 68 0.51 0.23 -5.88
CA MET A 68 0.10 -0.44 -4.62
C MET A 68 -0.40 0.65 -3.68
N ASP A 69 -1.41 0.38 -2.83
CA ASP A 69 -1.91 1.32 -1.86
C ASP A 69 -2.52 0.54 -0.70
N MET A 70 -2.81 1.21 0.44
CA MET A 70 -3.28 0.54 1.62
C MET A 70 -4.74 0.08 1.54
N GLY A 71 -5.58 0.74 0.71
CA GLY A 71 -6.88 0.16 0.39
C GLY A 71 -6.80 -1.27 -0.19
N THR A 72 -5.89 -1.44 -1.17
CA THR A 72 -5.64 -2.78 -1.78
C THR A 72 -5.08 -3.78 -0.73
N ILE A 73 -4.12 -3.32 0.05
CA ILE A 73 -3.49 -4.15 1.09
C ILE A 73 -4.57 -4.59 2.14
N LYS A 74 -5.34 -3.64 2.54
CA LYS A 74 -6.44 -3.88 3.50
C LYS A 74 -7.38 -4.96 3.00
N LYS A 75 -7.87 -4.81 1.76
CA LYS A 75 -8.72 -5.89 1.17
C LYS A 75 -7.99 -7.25 1.02
N ARG A 76 -6.71 -7.21 0.61
CA ARG A 76 -5.92 -8.46 0.55
C ARG A 76 -5.86 -9.17 1.92
N LEU A 77 -5.62 -8.40 2.97
CA LEU A 77 -5.56 -8.97 4.31
C LEU A 77 -6.95 -9.46 4.72
N GLU A 78 -7.99 -8.68 4.50
CA GLU A 78 -9.35 -9.09 4.86
C GLU A 78 -9.79 -10.35 4.10
N ASN A 79 -9.36 -10.46 2.84
CA ASN A 79 -9.75 -11.55 1.93
C ASN A 79 -8.83 -12.75 2.08
N ASN A 80 -7.83 -12.66 2.97
CA ASN A 80 -6.77 -13.69 3.18
C ASN A 80 -6.08 -14.06 1.88
N TYR A 81 -5.55 -13.05 1.20
CA TYR A 81 -4.96 -13.24 -0.11
C TYR A 81 -3.52 -13.68 0.03
N TYR A 82 -2.90 -13.36 1.16
CA TYR A 82 -1.47 -13.61 1.29
C TYR A 82 -1.10 -15.02 1.80
N TRP A 83 0.07 -15.49 1.40
CA TRP A 83 0.66 -16.71 2.00
C TRP A 83 1.42 -16.40 3.35
N ASN A 84 2.08 -15.27 3.41
CA ASN A 84 2.87 -14.97 4.60
C ASN A 84 3.01 -13.46 4.76
N ALA A 85 3.55 -13.09 5.93
CA ALA A 85 3.65 -11.69 6.28
C ALA A 85 4.55 -10.95 5.33
N GLN A 86 5.62 -11.61 4.91
CA GLN A 86 6.58 -10.97 4.03
C GLN A 86 5.92 -10.52 2.68
N GLU A 87 4.98 -11.30 2.16
CA GLU A 87 4.29 -10.87 0.91
C GLU A 87 3.57 -9.56 1.19
N CYS A 88 2.97 -9.45 2.38
CA CYS A 88 2.30 -8.23 2.68
C CYS A 88 3.21 -7.00 2.91
N ILE A 89 4.27 -7.25 3.65
CA ILE A 89 5.31 -6.24 3.88
C ILE A 89 5.85 -5.73 2.52
N GLN A 90 6.02 -6.65 1.56
CA GLN A 90 6.50 -6.24 0.24
CA GLN A 90 6.50 -6.28 0.24
C GLN A 90 5.57 -5.26 -0.45
N ASP A 91 4.26 -5.45 -0.26
CA ASP A 91 3.27 -4.53 -0.85
C ASP A 91 3.34 -3.15 -0.18
N PHE A 92 3.57 -3.15 1.14
CA PHE A 92 3.75 -1.82 1.81
C PHE A 92 4.99 -1.13 1.26
N ASN A 93 6.06 -1.92 1.04
CA ASN A 93 7.32 -1.39 0.48
C ASN A 93 7.21 -0.86 -0.96
N THR A 94 6.44 -1.58 -1.78
CA THR A 94 6.11 -1.08 -3.13
C THR A 94 5.37 0.24 -3.07
N MET A 95 4.34 0.33 -2.19
CA MET A 95 3.57 1.58 -2.04
C MET A 95 4.53 2.75 -1.73
N PHE A 96 5.42 2.54 -0.76
CA PHE A 96 6.34 3.64 -0.38
C PHE A 96 7.27 3.95 -1.49
N THR A 97 7.82 2.93 -2.06
CA THR A 97 8.86 3.10 -3.10
C THR A 97 8.26 3.84 -4.34
N ASN A 98 7.04 3.43 -4.72
CA ASN A 98 6.32 4.18 -5.76
C ASN A 98 6.27 5.66 -5.50
N CYS A 99 5.84 6.06 -4.29
CA CYS A 99 5.74 7.48 -4.01
C CYS A 99 7.11 8.19 -4.21
N TYR A 100 8.16 7.57 -3.68
CA TYR A 100 9.52 8.17 -3.75
C TYR A 100 10.02 8.16 -5.15
N ILE A 101 9.58 7.20 -5.95
CA ILE A 101 9.97 7.26 -7.40
C ILE A 101 9.24 8.42 -8.16
N TYR A 102 7.93 8.53 -7.97
CA TYR A 102 7.19 9.46 -8.82
C TYR A 102 7.50 10.89 -8.39
N ASN A 103 7.75 11.10 -7.09
CA ASN A 103 7.88 12.45 -6.52
C ASN A 103 9.32 12.77 -6.19
N LYS A 104 9.60 13.86 -5.48
CA LYS A 104 11.00 14.22 -5.18
C LYS A 104 11.18 14.54 -3.70
N PRO A 105 12.41 14.45 -3.20
CA PRO A 105 12.62 14.72 -1.79
C PRO A 105 12.06 16.07 -1.40
N GLY A 106 11.39 16.07 -0.27
CA GLY A 106 10.91 17.32 0.25
C GLY A 106 9.49 17.63 -0.16
N ASP A 107 8.96 16.96 -1.21
CA ASP A 107 7.53 17.13 -1.60
C ASP A 107 6.62 16.76 -0.45
N ASP A 108 5.51 17.48 -0.33
CA ASP A 108 4.53 17.11 0.72
C ASP A 108 4.20 15.59 0.73
N ILE A 109 3.93 15.03 -0.46
CA ILE A 109 3.48 13.64 -0.49
C ILE A 109 4.63 12.71 0.02
N VAL A 110 5.86 13.13 -0.28
CA VAL A 110 7.05 12.37 0.16
C VAL A 110 7.23 12.46 1.70
N LEU A 111 7.05 13.64 2.30
CA LEU A 111 7.15 13.76 3.74
C LEU A 111 6.05 12.86 4.37
N MET A 112 4.89 12.77 3.72
CA MET A 112 3.79 11.92 4.22
C MET A 112 4.18 10.42 4.22
N ALA A 113 4.60 9.95 3.03
CA ALA A 113 5.13 8.58 2.90
C ALA A 113 6.24 8.31 3.92
N GLU A 114 7.18 9.23 4.08
CA GLU A 114 8.34 9.01 4.96
C GLU A 114 7.87 8.83 6.36
N ALA A 115 6.90 9.64 6.77
CA ALA A 115 6.32 9.49 8.12
C ALA A 115 5.66 8.14 8.31
N LEU A 116 4.74 7.78 7.43
CA LEU A 116 4.10 6.48 7.50
C LEU A 116 5.05 5.33 7.51
N GLU A 117 6.10 5.46 6.70
CA GLU A 117 7.10 4.39 6.54
C GLU A 117 7.85 4.19 7.86
N LYS A 118 8.23 5.29 8.53
CA LYS A 118 8.92 5.20 9.82
C LYS A 118 7.99 4.52 10.84
N LEU A 119 6.70 4.81 10.79
CA LEU A 119 5.81 4.23 11.78
C LEU A 119 5.63 2.73 11.45
N PHE A 120 5.55 2.44 10.15
CA PHE A 120 5.35 1.09 9.69
C PHE A 120 6.50 0.24 10.20
N LEU A 121 7.76 0.68 9.96
CA LEU A 121 8.94 0.02 10.41
C LEU A 121 8.93 -0.17 11.93
N GLN A 122 8.55 0.87 12.65
CA GLN A 122 8.45 0.72 14.11
C GLN A 122 7.46 -0.44 14.50
N LYS A 123 6.25 -0.49 13.88
CA LYS A 123 5.23 -1.53 14.20
C LYS A 123 5.58 -2.93 13.77
N ILE A 124 6.35 -3.08 12.67
CA ILE A 124 6.66 -4.43 12.25
C ILE A 124 7.99 -4.91 12.85
N ASN A 125 8.65 -4.04 13.63
CA ASN A 125 9.87 -4.40 14.34
C ASN A 125 9.72 -5.70 15.10
N GLU A 126 8.61 -5.85 15.79
CA GLU A 126 8.32 -7.13 16.42
C GLU A 126 6.91 -7.59 16.02
N LEU A 127 6.83 -8.80 15.47
CA LEU A 127 5.56 -9.42 15.06
C LEU A 127 5.24 -10.61 15.98
N PRO A 128 3.98 -11.07 16.02
CA PRO A 128 3.81 -12.34 16.76
C PRO A 128 4.63 -13.49 16.10
N THR A 129 4.68 -14.64 16.81
CA THR A 129 5.35 -15.86 16.33
C THR A 129 4.87 -16.45 15.00
N GLY B 2 -3.24 17.07 -7.85
CA GLY B 2 -1.97 17.51 -8.33
C GLY B 2 -0.95 17.24 -7.24
#